data_2CIX
#
_entry.id   2CIX
#
_cell.length_a   57.440
_cell.length_b   150.350
_cell.length_c   99.620
_cell.angle_alpha   90.00
_cell.angle_beta   90.00
_cell.angle_gamma   90.00
#
_symmetry.space_group_name_H-M   'C 2 2 21'
#
loop_
_entity.id
_entity.type
_entity.pdbx_description
1 polymer CHLOROPEROXIDASE
2 branched beta-D-mannopyranose-(1-4)-2-acetamido-2-deoxy-beta-D-glucopyranose-(1-4)-2-acetamido-2-deoxy-beta-D-glucopyranose
3 branched 2-acetamido-2-deoxy-beta-D-glucopyranose-(1-4)-2-acetamido-2-deoxy-beta-D-glucopyranose
4 branched alpha-D-mannopyranose-(1-2)-alpha-D-mannopyranose
5 non-polymer 'MANGANESE (II) ION'
6 non-polymer 'PROTOPORPHYRIN IX CONTAINING FE'
7 non-polymer 2-acetamido-2-deoxy-beta-D-glucopyranose
8 non-polymer alpha-D-mannopyranose
9 non-polymer 1,2-ETHANEDIOL
10 non-polymer CYCLOPENTANE-1,3-DIONE
11 non-polymer 'BROMIDE ION'
12 water water
#
_entity_poly.entity_id   1
_entity_poly.type   'polypeptide(L)'
_entity_poly.pdbx_seq_one_letter_code
;(PCA)EPGSGIGYPYDNNTLPYVAPGPTDSRAPCPALNALANHGYIPHDGRAISRETLQNAFLNHMGIANSVIELALTNA
FVVCEYVTGSDCGDSLVNLTLLAEPHAFEHDHSFSRKDYKQGVANSNDFIDNRNFDAETFQTSLDVVAGKTHFDYADMNE
IRLQRESLSNELDFPGWFTESKPIQNVESGFIFALVSDFNLPDNDENPLVRIDWWKYWFTNESFPYHLGWHPPSPAREIE
FVTSASSAVLAASVTSTPSSLPSGAIGPGAEAVPLSFASTMTPFLLATNAPYYAQDPTLGPND
;
_entity_poly.pdbx_strand_id   A
#
# COMPACT_ATOMS: atom_id res chain seq x y z
N GLU A 2 20.37 -11.45 3.78
CA GLU A 2 21.13 -12.63 3.38
C GLU A 2 20.67 -13.81 4.21
N PRO A 3 20.53 -15.00 3.59
CA PRO A 3 19.97 -16.13 4.33
C PRO A 3 20.77 -16.49 5.60
N GLY A 4 22.11 -16.38 5.56
CA GLY A 4 22.88 -16.69 6.76
C GLY A 4 22.91 -15.65 7.87
N SER A 5 22.33 -14.47 7.62
CA SER A 5 22.39 -13.38 8.58
C SER A 5 21.56 -13.66 9.84
N GLY A 6 20.55 -14.52 9.71
CA GLY A 6 19.58 -14.78 10.78
C GLY A 6 18.71 -13.61 11.19
N ILE A 7 18.74 -12.52 10.43
CA ILE A 7 17.98 -11.30 10.77
C ILE A 7 16.47 -11.58 10.97
N GLY A 8 15.88 -12.43 10.14
CA GLY A 8 14.45 -12.78 10.37
C GLY A 8 14.11 -13.82 11.43
N TYR A 9 15.11 -14.52 11.96
CA TYR A 9 14.89 -15.66 12.87
C TYR A 9 14.32 -15.20 14.21
N PRO A 10 13.41 -15.98 14.82
CA PRO A 10 12.84 -17.26 14.33
C PRO A 10 11.51 -17.08 13.63
N TYR A 11 11.25 -15.87 13.17
CA TYR A 11 9.97 -15.56 12.54
C TYR A 11 9.97 -15.86 11.06
N ASP A 12 11.08 -15.59 10.41
CA ASP A 12 11.27 -15.93 9.02
C ASP A 12 12.64 -16.60 8.94
N ASN A 13 12.65 -17.90 8.68
CA ASN A 13 13.90 -18.65 8.72
C ASN A 13 14.52 -18.89 7.33
N ASN A 14 14.00 -18.18 6.33
N ASN A 14 14.01 -18.15 6.34
CA ASN A 14 14.48 -18.36 4.95
CA ASN A 14 14.43 -18.35 4.96
C ASN A 14 14.41 -17.05 4.18
C ASN A 14 14.36 -17.02 4.21
N THR A 15 15.22 -16.09 4.60
CA THR A 15 15.18 -14.75 4.01
C THR A 15 16.05 -14.68 2.76
N LEU A 16 15.83 -13.63 1.96
CA LEU A 16 16.63 -13.36 0.78
C LEU A 16 16.99 -11.90 0.85
N PRO A 17 18.17 -11.53 0.30
CA PRO A 17 18.56 -10.12 0.44
C PRO A 17 17.75 -9.12 -0.41
N TYR A 18 17.79 -7.86 0.02
CA TYR A 18 17.26 -6.75 -0.73
C TYR A 18 18.11 -6.55 -1.96
N VAL A 19 17.46 -6.35 -3.10
CA VAL A 19 18.16 -5.93 -4.32
C VAL A 19 17.31 -4.84 -4.93
N ALA A 20 17.90 -3.68 -5.20
CA ALA A 20 17.16 -2.55 -5.76
C ALA A 20 16.61 -2.90 -7.13
N PRO A 21 15.41 -2.42 -7.46
CA PRO A 21 14.91 -2.67 -8.81
C PRO A 21 15.74 -1.93 -9.88
N GLY A 22 16.00 -2.60 -10.99
CA GLY A 22 16.63 -1.99 -12.16
C GLY A 22 15.66 -1.23 -13.03
N PRO A 23 16.17 -0.41 -13.95
CA PRO A 23 15.27 0.43 -14.74
C PRO A 23 14.23 -0.34 -15.53
N THR A 24 14.50 -1.62 -15.85
CA THR A 24 13.51 -2.38 -16.63
C THR A 24 12.57 -3.23 -15.76
N ASP A 25 12.80 -3.26 -14.44
CA ASP A 25 11.94 -4.04 -13.55
C ASP A 25 10.60 -3.34 -13.39
N SER A 26 9.55 -4.14 -13.18
CA SER A 26 8.22 -3.63 -12.94
C SER A 26 7.95 -3.53 -11.44
N ARG A 27 7.48 -2.37 -11.01
CA ARG A 27 7.07 -2.20 -9.62
C ARG A 27 5.64 -1.68 -9.55
N ALA A 28 5.06 -1.82 -8.36
CA ALA A 28 3.65 -1.58 -8.11
C ALA A 28 3.48 -0.21 -7.42
N PRO A 29 2.22 0.27 -7.30
CA PRO A 29 1.88 1.36 -6.38
C PRO A 29 1.76 0.86 -4.93
N CYS A 30 2.11 -0.40 -4.67
CA CYS A 30 1.99 -1.01 -3.36
C CYS A 30 3.35 -1.18 -2.68
N PRO A 31 3.49 -0.62 -1.46
CA PRO A 31 4.75 -0.77 -0.73
C PRO A 31 5.02 -2.19 -0.28
N ALA A 32 3.96 -2.98 -0.09
CA ALA A 32 4.12 -4.38 0.33
C ALA A 32 4.64 -5.21 -0.86
N LEU A 33 3.94 -5.15 -1.98
CA LEU A 33 4.39 -5.89 -3.21
C LEU A 33 5.80 -5.51 -3.61
N ASN A 34 6.11 -4.21 -3.51
CA ASN A 34 7.42 -3.74 -3.91
C ASN A 34 8.50 -4.30 -2.99
N ALA A 35 8.26 -4.33 -1.68
CA ALA A 35 9.26 -4.96 -0.78
C ALA A 35 9.45 -6.46 -1.07
N LEU A 36 8.35 -7.18 -1.29
CA LEU A 36 8.44 -8.60 -1.67
C LEU A 36 9.24 -8.80 -2.96
N ALA A 37 8.99 -7.98 -3.97
CA ALA A 37 9.72 -8.12 -5.25
C ALA A 37 11.18 -7.72 -5.08
N ASN A 38 11.46 -6.67 -4.31
CA ASN A 38 12.85 -6.28 -3.99
C ASN A 38 13.65 -7.40 -3.31
N HIS A 39 12.96 -8.28 -2.60
CA HIS A 39 13.61 -9.46 -2.01
C HIS A 39 13.54 -10.75 -2.80
N GLY A 40 12.87 -10.75 -3.94
CA GLY A 40 12.74 -11.96 -4.73
C GLY A 40 11.73 -12.96 -4.20
N TYR A 41 10.88 -12.54 -3.27
CA TYR A 41 9.85 -13.43 -2.71
C TYR A 41 8.72 -13.54 -3.71
N ILE A 42 8.55 -12.48 -4.47
CA ILE A 42 7.89 -12.55 -5.75
C ILE A 42 8.98 -12.12 -6.77
N PRO A 43 8.78 -12.40 -8.08
CA PRO A 43 9.84 -12.17 -9.07
C PRO A 43 10.48 -10.76 -8.95
N HIS A 44 11.81 -10.72 -8.89
N HIS A 44 11.82 -10.73 -8.87
CA HIS A 44 12.49 -9.43 -8.84
CA HIS A 44 12.57 -9.47 -8.87
C HIS A 44 12.10 -8.50 -9.99
C HIS A 44 12.15 -8.51 -9.99
N ASP A 45 11.80 -9.06 -11.15
CA ASP A 45 11.43 -8.22 -12.32
C ASP A 45 9.98 -7.75 -12.28
N GLY A 46 9.23 -8.28 -11.31
CA GLY A 46 7.84 -7.86 -11.06
C GLY A 46 6.87 -8.33 -12.15
N ARG A 47 7.19 -9.44 -12.81
CA ARG A 47 6.36 -9.97 -13.88
C ARG A 47 5.98 -11.43 -13.65
N ALA A 48 4.83 -11.82 -14.20
CA ALA A 48 4.39 -13.22 -14.33
C ALA A 48 4.22 -13.86 -12.95
N ILE A 49 3.34 -13.30 -12.14
CA ILE A 49 3.23 -13.68 -10.72
C ILE A 49 1.94 -14.44 -10.47
N SER A 50 2.05 -15.64 -9.90
CA SER A 50 0.87 -16.47 -9.62
C SER A 50 0.27 -16.11 -8.27
N ARG A 51 -1.01 -16.45 -8.09
CA ARG A 51 -1.69 -16.28 -6.80
C ARG A 51 -0.91 -16.98 -5.68
N GLU A 52 -0.48 -18.22 -5.90
CA GLU A 52 0.21 -18.93 -4.82
C GLU A 52 1.56 -18.31 -4.43
N THR A 53 2.29 -17.80 -5.40
CA THR A 53 3.55 -17.10 -5.12
C THR A 53 3.26 -15.92 -4.18
N LEU A 54 2.22 -15.16 -4.51
CA LEU A 54 1.82 -14.03 -3.64
C LEU A 54 1.41 -14.51 -2.28
N GLN A 55 0.57 -15.54 -2.22
CA GLN A 55 0.09 -16.05 -0.92
C GLN A 55 1.27 -16.48 0.01
N ASN A 56 2.18 -17.29 -0.55
CA ASN A 56 3.36 -17.77 0.16
C ASN A 56 4.28 -16.65 0.64
N ALA A 57 4.50 -15.67 -0.25
CA ALA A 57 5.37 -14.54 0.02
C ALA A 57 4.80 -13.70 1.18
N PHE A 58 3.50 -13.41 1.15
CA PHE A 58 2.90 -12.62 2.22
C PHE A 58 2.90 -13.40 3.52
N LEU A 59 2.56 -14.70 3.44
CA LEU A 59 2.45 -15.48 4.66
C LEU A 59 3.82 -15.72 5.29
N ASN A 60 4.77 -16.18 4.50
CA ASN A 60 6.05 -16.64 5.07
C ASN A 60 7.05 -15.51 5.35
N HIS A 61 6.89 -14.39 4.65
CA HIS A 61 7.86 -13.32 4.78
C HIS A 61 7.29 -12.04 5.36
N MET A 62 5.96 -11.93 5.47
CA MET A 62 5.37 -10.73 6.08
C MET A 62 4.38 -11.00 7.22
N GLY A 63 4.11 -12.26 7.52
CA GLY A 63 3.15 -12.56 8.58
C GLY A 63 1.75 -12.10 8.24
N ILE A 64 1.37 -12.21 6.96
CA ILE A 64 0.07 -11.80 6.49
C ILE A 64 -0.60 -13.06 5.90
N ALA A 65 -1.69 -13.52 6.53
CA ALA A 65 -2.32 -14.78 6.17
C ALA A 65 -3.11 -14.67 4.85
N ASN A 66 -3.43 -15.81 4.26
CA ASN A 66 -4.06 -15.80 2.92
C ASN A 66 -5.38 -15.00 2.89
N SER A 67 -6.13 -15.04 4.00
CA SER A 67 -7.45 -14.40 4.05
C SER A 67 -7.33 -12.91 3.79
N VAL A 68 -6.20 -12.33 4.18
CA VAL A 68 -6.02 -10.87 4.13
C VAL A 68 -5.97 -10.40 2.68
N ILE A 69 -5.51 -11.28 1.79
CA ILE A 69 -5.28 -10.89 0.39
C ILE A 69 -6.25 -11.53 -0.61
N GLU A 70 -7.27 -12.23 -0.11
CA GLU A 70 -8.20 -12.91 -1.01
C GLU A 70 -8.87 -11.95 -2.01
N LEU A 71 -9.47 -10.87 -1.49
CA LEU A 71 -10.12 -9.87 -2.35
C LEU A 71 -9.07 -9.14 -3.19
N ALA A 72 -7.93 -8.86 -2.56
CA ALA A 72 -6.81 -8.23 -3.25
C ALA A 72 -6.39 -9.00 -4.50
N LEU A 73 -6.30 -10.33 -4.36
CA LEU A 73 -5.93 -11.15 -5.50
C LEU A 73 -7.00 -11.09 -6.57
N THR A 74 -8.27 -11.21 -6.18
CA THR A 74 -9.38 -11.11 -7.13
C THR A 74 -9.28 -9.81 -7.92
N ASN A 75 -9.12 -8.71 -7.19
CA ASN A 75 -9.04 -7.41 -7.83
C ASN A 75 -7.80 -7.21 -8.70
N ALA A 76 -6.67 -7.79 -8.30
CA ALA A 76 -5.46 -7.69 -9.12
C ALA A 76 -5.71 -8.33 -10.49
N PHE A 77 -6.41 -9.47 -10.51
CA PHE A 77 -6.59 -10.17 -11.77
C PHE A 77 -7.69 -9.56 -12.61
N VAL A 78 -8.67 -8.98 -11.93
CA VAL A 78 -9.70 -8.21 -12.65
C VAL A 78 -9.01 -7.03 -13.39
N VAL A 79 -8.14 -6.31 -12.67
CA VAL A 79 -7.44 -5.18 -13.27
C VAL A 79 -6.47 -5.60 -14.38
N CYS A 80 -5.79 -6.73 -14.20
CA CYS A 80 -4.94 -7.27 -15.25
C CYS A 80 -5.74 -7.48 -16.53
N GLU A 81 -6.94 -8.05 -16.39
CA GLU A 81 -7.72 -8.34 -17.60
C GLU A 81 -8.21 -7.04 -18.25
N TYR A 82 -8.62 -6.10 -17.41
CA TYR A 82 -9.06 -4.76 -17.86
C TYR A 82 -7.94 -4.02 -18.62
N VAL A 83 -6.74 -3.99 -18.05
CA VAL A 83 -5.58 -3.29 -18.65
C VAL A 83 -5.07 -3.97 -19.94
N THR A 84 -4.96 -5.29 -19.92
CA THR A 84 -4.30 -6.02 -21.03
C THR A 84 -5.31 -6.39 -22.12
N GLY A 85 -6.59 -6.40 -21.77
CA GLY A 85 -7.64 -6.81 -22.68
C GLY A 85 -7.86 -8.31 -22.81
N SER A 86 -7.22 -9.12 -21.99
CA SER A 86 -7.57 -10.55 -21.97
C SER A 86 -7.32 -11.19 -20.61
N ASP A 87 -8.00 -12.29 -20.34
CA ASP A 87 -7.84 -12.99 -19.06
C ASP A 87 -6.38 -13.34 -18.83
N CYS A 88 -5.86 -13.04 -17.65
CA CYS A 88 -4.45 -13.25 -17.31
CA CYS A 88 -4.44 -13.34 -17.46
C CYS A 88 -4.24 -14.58 -16.59
N GLY A 89 -5.31 -15.36 -16.46
CA GLY A 89 -5.28 -16.67 -15.86
C GLY A 89 -4.71 -16.64 -14.46
N ASP A 90 -3.59 -17.33 -14.27
CA ASP A 90 -2.91 -17.29 -12.97
C ASP A 90 -1.47 -16.77 -13.12
N SER A 91 -1.28 -15.83 -14.04
CA SER A 91 0.03 -15.22 -14.20
C SER A 91 -0.17 -13.71 -14.37
N LEU A 92 -0.16 -13.00 -13.24
CA LEU A 92 -0.30 -11.56 -13.26
C LEU A 92 0.81 -10.97 -14.12
N VAL A 93 0.41 -10.25 -15.18
CA VAL A 93 1.36 -9.87 -16.24
C VAL A 93 2.50 -9.07 -15.67
N ASN A 94 2.17 -8.05 -14.89
CA ASN A 94 3.20 -7.33 -14.16
C ASN A 94 2.60 -6.58 -12.99
N LEU A 95 3.47 -5.98 -12.18
CA LEU A 95 3.06 -5.19 -11.02
C LEU A 95 2.61 -3.77 -11.42
N THR A 96 3.18 -3.24 -12.48
CA THR A 96 2.94 -1.84 -12.91
C THR A 96 1.49 -1.57 -13.28
N LEU A 97 0.86 -2.56 -13.92
CA LEU A 97 -0.53 -2.40 -14.32
C LEU A 97 -1.47 -2.16 -13.16
N LEU A 98 -1.03 -2.53 -11.95
CA LEU A 98 -1.83 -2.26 -10.75
C LEU A 98 -1.99 -0.77 -10.49
N ALA A 99 -1.17 0.06 -11.14
CA ALA A 99 -1.34 1.51 -10.97
C ALA A 99 -2.37 2.10 -11.98
N GLU A 100 -3.12 1.25 -12.66
CA GLU A 100 -4.23 1.73 -13.48
C GLU A 100 -5.15 2.61 -12.63
N PRO A 101 -5.33 3.90 -12.99
CA PRO A 101 -6.09 4.78 -12.07
C PRO A 101 -7.58 4.53 -12.03
N HIS A 102 -8.22 4.97 -10.95
CA HIS A 102 -9.67 4.83 -10.74
C HIS A 102 -10.14 3.39 -10.92
N ALA A 103 -9.29 2.50 -10.43
CA ALA A 103 -9.54 1.08 -10.52
C ALA A 103 -9.25 0.46 -9.14
N PHE A 104 -8.11 -0.22 -9.04
CA PHE A 104 -7.62 -0.74 -7.77
C PHE A 104 -6.82 0.42 -7.10
N GLU A 105 -5.89 1.00 -7.87
CA GLU A 105 -5.21 2.25 -7.50
C GLU A 105 -6.29 3.32 -7.40
N HIS A 106 -6.11 4.21 -6.44
CA HIS A 106 -7.08 5.20 -6.15
C HIS A 106 -6.39 6.52 -5.76
N ASP A 107 -7.23 7.54 -5.70
CA ASP A 107 -6.80 8.92 -5.36
C ASP A 107 -6.54 8.99 -3.86
N HIS A 108 -6.03 10.13 -3.40
CA HIS A 108 -5.71 10.39 -1.97
C HIS A 108 -4.93 9.27 -1.25
N SER A 109 -3.94 8.73 -1.96
CA SER A 109 -2.98 7.73 -1.40
C SER A 109 -2.14 8.41 -0.31
N PHE A 110 -1.61 7.60 0.61
CA PHE A 110 -0.78 8.11 1.69
C PHE A 110 0.58 8.60 1.19
N SER A 111 1.09 7.97 0.15
CA SER A 111 2.49 8.19 -0.23
C SER A 111 2.72 8.33 -1.73
N ARG A 112 1.64 8.34 -2.52
CA ARG A 112 1.76 8.55 -3.94
C ARG A 112 0.93 9.75 -4.33
N LYS A 113 1.37 10.45 -5.39
CA LYS A 113 0.55 11.51 -5.98
C LYS A 113 -0.63 10.90 -6.76
N ASP A 114 -1.67 11.69 -6.97
CA ASP A 114 -2.75 11.27 -7.86
C ASP A 114 -2.42 11.39 -9.35
N TYR A 115 -3.08 10.56 -10.16
CA TYR A 115 -2.83 10.49 -11.61
C TYR A 115 -2.92 11.87 -12.30
N LYS A 116 -3.86 12.69 -11.85
CA LYS A 116 -3.96 14.05 -12.41
C LYS A 116 -3.74 15.12 -11.34
N GLN A 117 -2.83 14.85 -10.41
CA GLN A 117 -2.56 15.80 -9.34
C GLN A 117 -1.74 16.97 -9.87
N GLY A 118 -2.26 18.18 -9.70
CA GLY A 118 -1.51 19.39 -10.05
C GLY A 118 -1.16 19.58 -11.52
N VAL A 119 -1.87 18.89 -12.43
CA VAL A 119 -1.58 19.03 -13.84
C VAL A 119 -2.28 20.27 -14.40
N ALA A 120 -1.60 20.96 -15.31
CA ALA A 120 -2.09 22.22 -15.88
C ALA A 120 -3.18 21.98 -16.92
N ASN A 121 -3.16 20.82 -17.57
CA ASN A 121 -4.13 20.50 -18.63
C ASN A 121 -4.84 19.17 -18.43
N SER A 122 -6.12 19.10 -18.81
CA SER A 122 -6.96 17.93 -18.48
C SER A 122 -6.43 16.59 -18.99
N ASN A 123 -5.60 16.64 -20.04
CA ASN A 123 -5.09 15.41 -20.62
C ASN A 123 -3.74 14.96 -20.10
N ASP A 124 -3.13 15.78 -19.25
CA ASP A 124 -1.84 15.44 -18.66
C ASP A 124 -2.07 14.32 -17.64
N PHE A 125 -1.02 13.55 -17.38
CA PHE A 125 -1.05 12.70 -16.21
C PHE A 125 0.35 12.54 -15.69
N ILE A 126 0.48 12.10 -14.44
CA ILE A 126 1.77 12.00 -13.77
C ILE A 126 1.94 10.61 -13.11
N ASP A 127 3.10 10.41 -12.50
CA ASP A 127 3.46 9.18 -11.83
C ASP A 127 2.64 9.05 -10.54
N ASN A 128 1.61 8.20 -10.60
CA ASN A 128 0.75 7.90 -9.45
C ASN A 128 1.16 6.57 -8.83
N ARG A 129 2.38 6.14 -9.11
CA ARG A 129 2.77 4.76 -8.79
C ARG A 129 3.94 4.68 -7.84
N ASN A 130 5.01 5.40 -8.15
CA ASN A 130 6.22 5.38 -7.31
C ASN A 130 6.07 6.15 -6.03
N PHE A 131 6.79 5.70 -5.01
CA PHE A 131 6.80 6.38 -3.72
C PHE A 131 7.19 7.85 -3.92
N ASP A 132 6.46 8.75 -3.26
CA ASP A 132 6.71 10.20 -3.40
C ASP A 132 6.94 10.78 -2.01
N ALA A 133 8.19 11.16 -1.74
CA ALA A 133 8.58 11.57 -0.39
C ALA A 133 7.73 12.73 0.11
N GLU A 134 7.45 13.71 -0.78
CA GLU A 134 6.68 14.90 -0.39
C GLU A 134 5.28 14.52 0.03
N THR A 135 4.63 13.64 -0.74
CA THR A 135 3.27 13.19 -0.41
C THR A 135 3.29 12.47 0.93
N PHE A 136 4.27 11.58 1.10
CA PHE A 136 4.35 10.83 2.34
C PHE A 136 4.53 11.81 3.51
N GLN A 137 5.33 12.84 3.30
CA GLN A 137 5.53 13.81 4.35
C GLN A 137 4.21 14.45 4.79
N THR A 138 3.26 14.61 3.86
CA THR A 138 1.94 15.22 4.23
C THR A 138 1.14 14.30 5.14
N SER A 139 1.32 12.98 4.97
CA SER A 139 0.78 12.02 5.92
C SER A 139 1.50 12.09 7.26
N LEU A 140 2.83 12.08 7.24
CA LEU A 140 3.62 12.04 8.48
C LEU A 140 3.47 13.30 9.32
N ASP A 141 3.23 14.42 8.65
CA ASP A 141 3.08 15.73 9.31
C ASP A 141 1.88 15.77 10.27
N VAL A 142 0.84 15.03 9.94
CA VAL A 142 -0.35 14.88 10.80
C VAL A 142 0.06 14.31 12.18
N VAL A 143 1.08 13.46 12.18
CA VAL A 143 1.57 12.84 13.43
C VAL A 143 3.00 13.26 13.81
N ALA A 144 3.37 14.48 13.43
CA ALA A 144 4.69 15.04 13.71
C ALA A 144 5.02 15.04 15.21
N GLY A 145 6.27 14.77 15.55
CA GLY A 145 6.69 14.79 16.94
C GLY A 145 6.31 13.54 17.72
N LYS A 146 5.66 12.58 17.07
CA LYS A 146 5.20 11.36 17.73
C LYS A 146 5.97 10.12 17.32
N THR A 147 5.97 9.11 18.18
CA THR A 147 6.52 7.82 17.84
C THR A 147 5.45 6.78 17.45
N HIS A 148 4.22 6.95 17.92
CA HIS A 148 3.17 5.98 17.63
C HIS A 148 1.91 6.75 17.29
N PHE A 149 0.95 6.09 16.64
CA PHE A 149 -0.36 6.71 16.44
C PHE A 149 -1.50 5.70 16.44
N ASP A 150 -2.72 6.15 16.76
CA ASP A 150 -3.85 5.25 16.87
C ASP A 150 -4.86 5.44 15.73
N TYR A 151 -6.02 4.81 15.88
CA TYR A 151 -7.07 4.81 14.84
C TYR A 151 -7.56 6.23 14.54
N ALA A 152 -7.70 7.03 15.59
CA ALA A 152 -8.18 8.39 15.43
C ALA A 152 -7.13 9.24 14.67
N ASP A 153 -5.86 9.00 14.93
CA ASP A 153 -4.78 9.64 14.21
C ASP A 153 -4.85 9.20 12.74
N MET A 154 -5.08 7.91 12.50
CA MET A 154 -5.09 7.44 11.12
C MET A 154 -6.22 8.09 10.33
N ASN A 155 -7.35 8.30 11.01
CA ASN A 155 -8.54 8.89 10.41
C ASN A 155 -8.21 10.33 10.01
N GLU A 156 -7.50 11.04 10.88
CA GLU A 156 -7.03 12.39 10.55
C GLU A 156 -6.04 12.39 9.36
N ILE A 157 -5.18 11.36 9.27
CA ILE A 157 -4.25 11.31 8.13
C ILE A 157 -5.02 11.18 6.82
N ARG A 158 -5.95 10.22 6.78
CA ARG A 158 -6.64 9.96 5.52
C ARG A 158 -7.52 11.17 5.16
N LEU A 159 -8.04 11.87 6.18
CA LEU A 159 -8.84 13.09 5.91
C LEU A 159 -8.01 14.19 5.29
N GLN A 160 -6.80 14.38 5.81
CA GLN A 160 -5.85 15.35 5.29
C GLN A 160 -5.48 15.03 3.85
N ARG A 161 -5.24 13.75 3.56
CA ARG A 161 -4.92 13.33 2.21
C ARG A 161 -6.09 13.55 1.23
N GLU A 162 -7.31 13.24 1.66
CA GLU A 162 -8.48 13.47 0.84
C GLU A 162 -8.64 14.97 0.53
N SER A 163 -8.50 15.80 1.56
N SER A 163 -8.45 15.79 1.55
CA SER A 163 -8.59 17.26 1.43
CA SER A 163 -8.60 17.25 1.43
C SER A 163 -7.54 17.76 0.43
C SER A 163 -7.53 17.85 0.51
N LEU A 164 -6.28 17.45 0.69
CA LEU A 164 -5.21 17.83 -0.24
C LEU A 164 -5.47 17.40 -1.69
N SER A 165 -5.83 16.14 -1.88
CA SER A 165 -6.03 15.62 -3.23
C SER A 165 -7.25 16.28 -3.89
N ASN A 166 -8.31 16.46 -3.12
CA ASN A 166 -9.48 17.18 -3.64
C ASN A 166 -9.13 18.62 -4.09
N GLU A 167 -8.26 19.30 -3.35
CA GLU A 167 -7.84 20.65 -3.74
C GLU A 167 -6.88 20.69 -4.92
N LEU A 168 -5.99 19.70 -4.99
CA LEU A 168 -4.86 19.74 -5.93
C LEU A 168 -5.10 19.03 -7.26
N ASP A 169 -6.02 18.08 -7.28
CA ASP A 169 -6.27 17.32 -8.51
C ASP A 169 -6.99 18.15 -9.55
N PHE A 170 -6.69 17.86 -10.81
CA PHE A 170 -7.38 18.56 -11.90
C PHE A 170 -8.91 18.47 -11.71
N PRO A 171 -9.65 19.59 -11.92
CA PRO A 171 -11.10 19.55 -11.62
C PRO A 171 -11.82 18.40 -12.34
N GLY A 172 -12.59 17.62 -11.58
CA GLY A 172 -13.33 16.49 -12.15
C GLY A 172 -12.64 15.15 -11.98
N TRP A 173 -11.32 15.17 -11.71
CA TRP A 173 -10.54 13.93 -11.53
C TRP A 173 -10.82 13.27 -10.18
N PHE A 174 -10.75 14.05 -9.11
CA PHE A 174 -10.76 13.47 -7.76
C PHE A 174 -12.00 12.59 -7.49
N THR A 175 -11.74 11.37 -7.06
CA THR A 175 -12.79 10.43 -6.73
C THR A 175 -12.45 9.77 -5.40
N GLU A 176 -13.31 9.93 -4.39
CA GLU A 176 -13.03 9.37 -3.09
C GLU A 176 -13.12 7.84 -3.11
N SER A 177 -12.18 7.20 -2.40
N SER A 177 -12.18 7.20 -2.40
CA SER A 177 -12.14 5.75 -2.30
CA SER A 177 -12.13 5.75 -2.31
C SER A 177 -11.90 5.31 -0.86
C SER A 177 -11.89 5.32 -0.86
N LYS A 178 -12.87 5.59 0.01
CA LYS A 178 -12.76 5.17 1.40
C LYS A 178 -12.66 3.63 1.57
N PRO A 179 -13.48 2.84 0.84
CA PRO A 179 -13.35 1.39 1.03
C PRO A 179 -11.97 0.82 0.71
N ILE A 180 -11.34 1.24 -0.39
CA ILE A 180 -10.04 0.66 -0.71
C ILE A 180 -8.96 1.23 0.21
N GLN A 181 -8.95 2.56 0.35
CA GLN A 181 -7.94 3.14 1.21
C GLN A 181 -7.97 2.58 2.60
N ASN A 182 -9.16 2.35 3.14
CA ASN A 182 -9.20 1.99 4.55
C ASN A 182 -8.96 0.52 4.87
N VAL A 183 -9.05 -0.32 3.84
CA VAL A 183 -8.46 -1.65 3.97
C VAL A 183 -6.93 -1.44 4.10
N GLU A 184 -6.39 -0.53 3.30
CA GLU A 184 -4.93 -0.23 3.39
C GLU A 184 -4.58 0.40 4.72
N SER A 185 -5.46 1.21 5.29
CA SER A 185 -5.25 1.68 6.67
C SER A 185 -5.15 0.46 7.60
N GLY A 186 -6.08 -0.48 7.45
CA GLY A 186 -6.04 -1.73 8.23
C GLY A 186 -4.74 -2.50 8.00
N PHE A 187 -4.30 -2.54 6.75
CA PHE A 187 -3.00 -3.18 6.39
C PHE A 187 -1.85 -2.57 7.17
N ILE A 188 -1.86 -1.25 7.32
CA ILE A 188 -0.75 -0.59 8.03
C ILE A 188 -0.75 -1.00 9.52
N PHE A 189 -1.93 -0.99 10.13
CA PHE A 189 -2.05 -1.50 11.50
C PHE A 189 -1.63 -2.97 11.62
N ALA A 190 -1.96 -3.78 10.62
CA ALA A 190 -1.69 -5.23 10.65
C ALA A 190 -0.19 -5.45 10.59
N LEU A 191 0.49 -4.67 9.76
CA LEU A 191 1.92 -4.92 9.55
C LEU A 191 2.85 -4.21 10.52
N VAL A 192 2.57 -2.94 10.82
CA VAL A 192 3.53 -2.15 11.58
C VAL A 192 2.96 -1.52 12.87
N SER A 193 1.85 -2.06 13.35
CA SER A 193 1.44 -1.73 14.73
C SER A 193 2.41 -2.45 15.69
N ASP A 194 2.56 -1.87 16.87
CA ASP A 194 3.58 -2.25 17.82
C ASP A 194 3.12 -3.45 18.63
N PHE A 195 3.43 -4.63 18.12
CA PHE A 195 3.07 -5.88 18.77
C PHE A 195 3.83 -6.12 20.10
N ASN A 196 4.78 -5.25 20.44
CA ASN A 196 5.52 -5.37 21.70
C ASN A 196 4.79 -4.71 22.85
N LEU A 197 3.69 -4.03 22.54
CA LEU A 197 2.82 -3.46 23.57
C LEU A 197 1.80 -4.52 23.97
N PRO A 198 1.41 -4.57 25.26
CA PRO A 198 0.53 -5.63 25.80
C PRO A 198 -0.87 -5.77 25.15
N ASP A 199 -1.45 -4.65 24.70
CA ASP A 199 -2.80 -4.65 24.16
C ASP A 199 -2.85 -4.36 22.65
N ASN A 200 -1.89 -4.87 21.91
CA ASN A 200 -1.81 -4.65 20.47
C ASN A 200 -3.07 -5.05 19.68
N ASP A 201 -3.70 -6.18 20.03
CA ASP A 201 -4.87 -6.62 19.26
C ASP A 201 -6.15 -5.83 19.58
N GLU A 202 -6.24 -5.25 20.76
CA GLU A 202 -7.43 -4.44 21.08
C GLU A 202 -7.26 -2.98 20.62
N ASN A 203 -6.10 -2.39 20.91
CA ASN A 203 -5.79 -1.02 20.58
CA ASN A 203 -5.81 -1.00 20.54
C ASN A 203 -4.42 -0.89 19.88
N PRO A 204 -4.33 -1.34 18.60
CA PRO A 204 -2.99 -1.35 17.98
C PRO A 204 -2.46 0.06 17.69
N LEU A 205 -1.17 0.28 17.93
CA LEU A 205 -0.58 1.57 17.66
C LEU A 205 0.54 1.41 16.65
N VAL A 206 0.44 2.15 15.56
CA VAL A 206 1.45 2.11 14.51
C VAL A 206 2.74 2.71 15.04
N ARG A 207 3.86 2.00 14.89
CA ARG A 207 5.16 2.61 15.05
C ARG A 207 5.54 3.38 13.81
N ILE A 208 5.64 4.69 13.99
CA ILE A 208 5.92 5.57 12.87
C ILE A 208 7.26 5.24 12.20
N ASP A 209 8.31 4.96 12.97
CA ASP A 209 9.59 4.62 12.36
C ASP A 209 9.54 3.36 11.48
N TRP A 210 8.76 2.37 11.90
CA TRP A 210 8.55 1.15 11.09
C TRP A 210 7.82 1.49 9.81
N TRP A 211 6.79 2.29 9.95
CA TRP A 211 5.98 2.69 8.80
C TRP A 211 6.84 3.43 7.80
N LYS A 212 7.59 4.42 8.30
CA LYS A 212 8.47 5.21 7.44
C LYS A 212 9.53 4.38 6.74
N TYR A 213 10.10 3.42 7.44
CA TYR A 213 11.13 2.55 6.88
C TYR A 213 10.54 1.71 5.77
N TRP A 214 9.42 1.07 6.05
CA TRP A 214 8.75 0.21 5.07
C TRP A 214 8.40 0.99 3.79
N PHE A 215 7.81 2.17 3.95
CA PHE A 215 7.36 2.95 2.80
C PHE A 215 8.54 3.55 2.06
N THR A 216 9.49 4.12 2.79
CA THR A 216 10.59 4.84 2.15
C THR A 216 11.56 3.87 1.50
N ASN A 217 11.86 2.77 2.19
CA ASN A 217 12.88 1.85 1.72
C ASN A 217 12.34 0.70 0.87
N GLU A 218 11.03 0.44 0.94
CA GLU A 218 10.44 -0.76 0.29
C GLU A 218 11.26 -2.00 0.64
N SER A 219 11.54 -2.11 1.93
CA SER A 219 12.19 -3.28 2.54
C SER A 219 11.70 -3.32 3.99
N PHE A 220 12.11 -4.33 4.78
CA PHE A 220 11.49 -4.55 6.07
C PHE A 220 12.32 -4.01 7.21
N PRO A 221 11.67 -3.35 8.18
CA PRO A 221 12.42 -2.64 9.26
C PRO A 221 12.96 -3.51 10.39
N TYR A 222 13.57 -4.63 10.03
CA TYR A 222 14.20 -5.52 11.00
C TYR A 222 15.20 -4.79 11.89
N HIS A 223 15.90 -3.80 11.33
CA HIS A 223 16.91 -3.05 12.09
C HIS A 223 16.30 -2.23 13.23
N LEU A 224 15.01 -1.95 13.11
CA LEU A 224 14.28 -1.22 14.14
C LEU A 224 13.47 -2.14 15.06
N GLY A 225 13.75 -3.44 14.99
CA GLY A 225 13.13 -4.45 15.87
C GLY A 225 11.82 -5.04 15.37
N TRP A 226 11.43 -4.66 14.15
CA TRP A 226 10.24 -5.25 13.53
C TRP A 226 10.49 -6.72 13.22
N HIS A 227 9.42 -7.52 13.25
CA HIS A 227 9.46 -8.85 12.62
C HIS A 227 8.06 -9.15 12.10
N PRO A 228 7.92 -10.14 11.19
CA PRO A 228 6.56 -10.49 10.79
C PRO A 228 5.68 -10.84 12.00
N PRO A 229 4.44 -10.29 12.03
CA PRO A 229 3.48 -10.66 13.07
C PRO A 229 3.36 -12.17 13.19
N SER A 230 3.31 -12.66 14.42
CA SER A 230 3.12 -14.09 14.68
C SER A 230 2.12 -14.26 15.81
N PRO A 231 1.00 -15.01 15.58
CA PRO A 231 0.67 -15.67 14.32
C PRO A 231 0.35 -14.65 13.20
N ALA A 232 0.32 -15.12 11.97
CA ALA A 232 0.04 -14.23 10.86
C ALA A 232 -1.29 -13.54 11.05
N ARG A 233 -1.34 -12.26 10.66
CA ARG A 233 -2.57 -11.45 10.68
C ARG A 233 -3.60 -12.02 9.74
N GLU A 234 -4.86 -11.94 10.15
CA GLU A 234 -5.99 -12.44 9.36
C GLU A 234 -6.92 -11.29 8.98
N ILE A 235 -7.80 -11.54 8.00
CA ILE A 235 -8.67 -10.51 7.47
C ILE A 235 -9.55 -9.81 8.54
N GLU A 236 -9.99 -10.53 9.57
CA GLU A 236 -10.83 -9.91 10.61
C GLU A 236 -10.10 -8.73 11.24
N PHE A 237 -8.81 -8.90 11.52
CA PHE A 237 -8.04 -7.81 12.12
C PHE A 237 -8.07 -6.56 11.20
N VAL A 238 -7.80 -6.78 9.91
CA VAL A 238 -7.75 -5.72 8.91
C VAL A 238 -9.07 -4.96 8.75
N THR A 239 -10.18 -5.68 8.58
CA THR A 239 -11.44 -4.98 8.32
C THR A 239 -11.98 -4.36 9.63
N SER A 240 -11.68 -4.98 10.77
CA SER A 240 -12.00 -4.35 12.05
C SER A 240 -11.25 -3.02 12.24
N ALA A 241 -9.94 -3.03 11.94
CA ALA A 241 -9.10 -1.81 11.96
C ALA A 241 -9.62 -0.74 11.00
N SER A 242 -9.97 -1.17 9.79
CA SER A 242 -10.55 -0.32 8.78
C SER A 242 -11.82 0.36 9.32
N SER A 243 -12.70 -0.44 9.90
CA SER A 243 -13.94 0.12 10.45
C SER A 243 -13.64 1.07 11.63
N ALA A 244 -12.67 0.71 12.47
CA ALA A 244 -12.32 1.49 13.66
C ALA A 244 -11.74 2.84 13.27
N VAL A 245 -10.90 2.87 12.24
CA VAL A 245 -10.37 4.13 11.71
C VAL A 245 -11.54 5.07 11.34
N LEU A 246 -12.46 4.55 10.53
CA LEU A 246 -13.59 5.35 10.03
C LEU A 246 -14.60 5.73 11.11
N ALA A 247 -14.65 4.94 12.18
CA ALA A 247 -15.57 5.20 13.30
C ALA A 247 -14.99 6.20 14.28
N ALA A 248 -13.69 6.46 14.18
CA ALA A 248 -12.99 7.28 15.16
C ALA A 248 -13.37 8.75 15.07
N SER A 249 -13.42 9.40 16.24
CA SER A 249 -13.89 10.77 16.29
C SER A 249 -12.89 11.72 15.66
N VAL A 250 -13.42 12.62 14.82
CA VAL A 250 -12.64 13.62 14.13
C VAL A 250 -12.62 14.91 14.95
N THR A 251 -11.44 15.32 15.39
CA THR A 251 -11.29 16.50 16.27
C THR A 251 -10.66 17.68 15.53
N SER A 252 -10.26 17.44 14.29
CA SER A 252 -9.74 18.50 13.43
C SER A 252 -10.23 18.20 12.02
N THR A 253 -11.05 19.09 11.48
CA THR A 253 -11.69 18.85 10.20
C THR A 253 -11.04 19.73 9.15
N PRO A 254 -10.37 19.10 8.16
CA PRO A 254 -9.79 19.87 7.08
C PRO A 254 -10.90 20.39 6.19
N SER A 255 -10.65 21.47 5.48
CA SER A 255 -11.65 21.96 4.52
C SER A 255 -11.51 21.15 3.23
N SER A 256 -12.40 21.39 2.26
CA SER A 256 -12.32 20.77 0.93
C SER A 256 -12.48 19.26 0.95
N LEU A 257 -13.21 18.72 1.93
CA LEU A 257 -13.53 17.31 1.93
C LEU A 257 -14.69 17.02 0.96
N PRO A 258 -14.64 15.86 0.28
CA PRO A 258 -15.78 15.40 -0.51
C PRO A 258 -16.95 15.05 0.41
N SER A 259 -18.14 15.03 -0.17
CA SER A 259 -19.37 14.74 0.55
C SER A 259 -19.33 13.34 1.17
N GLY A 260 -19.65 13.26 2.45
CA GLY A 260 -19.69 11.99 3.18
C GLY A 260 -18.33 11.47 3.65
N ALA A 261 -17.27 12.27 3.53
CA ALA A 261 -15.91 11.90 3.96
C ALA A 261 -15.90 11.38 5.39
N ILE A 262 -16.44 12.17 6.33
CA ILE A 262 -16.47 11.75 7.73
C ILE A 262 -17.62 10.76 7.96
N GLY A 263 -17.30 9.58 8.49
CA GLY A 263 -18.32 8.56 8.76
C GLY A 263 -17.92 7.22 8.18
N PRO A 264 -18.72 6.16 8.45
CA PRO A 264 -18.43 4.79 8.00
C PRO A 264 -18.23 4.67 6.49
N GLY A 265 -17.54 3.60 6.08
CA GLY A 265 -17.27 3.37 4.68
C GLY A 265 -17.94 2.07 4.27
N ALA A 266 -18.20 1.94 2.99
CA ALA A 266 -18.71 0.67 2.42
C ALA A 266 -17.69 -0.46 2.54
N GLU A 267 -18.17 -1.69 2.68
CA GLU A 267 -17.31 -2.85 2.54
C GLU A 267 -16.72 -2.90 1.12
N ALA A 268 -15.43 -3.20 1.02
CA ALA A 268 -14.77 -3.38 -0.26
C ALA A 268 -15.35 -4.61 -0.93
N VAL A 269 -15.59 -4.54 -2.25
CA VAL A 269 -16.14 -5.65 -3.02
C VAL A 269 -15.34 -5.86 -4.30
N PRO A 270 -15.50 -7.01 -4.99
CA PRO A 270 -14.80 -7.14 -6.27
C PRO A 270 -15.04 -5.98 -7.25
N LEU A 271 -13.96 -5.53 -7.88
CA LEU A 271 -14.03 -4.55 -8.96
C LEU A 271 -14.64 -5.18 -10.21
N SER A 272 -15.23 -4.35 -11.05
CA SER A 272 -15.71 -4.80 -12.35
C SER A 272 -15.62 -3.67 -13.36
N PHE A 273 -15.20 -3.99 -14.57
CA PHE A 273 -15.04 -2.99 -15.62
C PHE A 273 -15.78 -3.39 -16.88
N ALA A 274 -16.49 -2.41 -17.45
CA ALA A 274 -17.17 -2.56 -18.74
C ALA A 274 -16.19 -3.01 -19.82
N SER A 275 -16.58 -4.05 -20.56
CA SER A 275 -15.75 -4.62 -21.63
C SER A 275 -15.44 -3.56 -22.69
N THR A 276 -16.32 -2.57 -22.81
CA THR A 276 -16.16 -1.47 -23.77
C THR A 276 -15.07 -0.51 -23.34
N MET A 277 -14.84 -0.43 -22.02
CA MET A 277 -14.02 0.61 -21.40
C MET A 277 -12.53 0.48 -21.69
N THR A 278 -11.95 1.52 -22.26
CA THR A 278 -10.52 1.57 -22.54
C THR A 278 -9.77 2.01 -21.28
N PRO A 279 -8.72 1.25 -20.90
CA PRO A 279 -7.95 1.68 -19.71
C PRO A 279 -7.21 2.98 -19.96
N PHE A 280 -7.03 3.75 -18.89
CA PHE A 280 -6.14 4.91 -18.95
C PHE A 280 -4.71 4.42 -19.14
N LEU A 281 -3.91 5.20 -19.84
CA LEU A 281 -2.50 4.91 -20.01
C LEU A 281 -1.80 4.86 -18.66
N LEU A 282 -0.90 3.90 -18.52
CA LEU A 282 -0.09 3.76 -17.30
C LEU A 282 1.10 4.73 -17.33
N ALA A 283 1.43 5.34 -16.19
CA ALA A 283 2.71 6.06 -16.07
C ALA A 283 3.85 5.12 -16.36
N THR A 284 4.83 5.58 -17.13
CA THR A 284 5.93 4.74 -17.60
C THR A 284 7.23 4.90 -16.83
N ASN A 285 7.19 5.64 -15.73
CA ASN A 285 8.42 5.92 -14.98
C ASN A 285 9.17 4.69 -14.51
N ALA A 286 10.50 4.78 -14.51
CA ALA A 286 11.37 3.74 -13.93
C ALA A 286 10.98 3.49 -12.47
N PRO A 287 11.17 2.25 -11.97
CA PRO A 287 10.81 2.03 -10.56
C PRO A 287 11.66 2.80 -9.57
N TYR A 288 10.99 3.31 -8.53
CA TYR A 288 11.65 3.99 -7.43
C TYR A 288 12.51 3.01 -6.62
N TYR A 289 13.67 3.48 -6.21
CA TYR A 289 14.42 2.84 -5.12
C TYR A 289 15.08 3.88 -4.21
N ALA A 290 15.28 3.51 -2.95
CA ALA A 290 15.81 4.44 -1.96
C ALA A 290 17.26 4.81 -2.29
N GLN A 291 17.56 6.10 -2.21
CA GLN A 291 18.90 6.59 -2.55
C GLN A 291 19.54 7.42 -1.45
N ASP A 292 18.78 7.71 -0.40
CA ASP A 292 19.24 8.62 0.61
C ASP A 292 19.05 8.05 2.03
N PRO A 293 19.80 6.98 2.40
CA PRO A 293 20.87 6.27 1.67
C PRO A 293 20.38 5.14 0.77
N THR A 294 21.25 4.63 -0.11
CA THR A 294 20.95 3.41 -0.84
C THR A 294 21.02 2.26 0.16
N LEU A 295 20.30 1.17 -0.12
CA LEU A 295 20.26 0.04 0.80
C LEU A 295 21.22 -1.09 0.43
N GLY A 296 21.76 -1.73 1.46
CA GLY A 296 22.54 -2.96 1.30
C GLY A 296 21.64 -4.19 1.32
N PRO A 297 22.23 -5.37 1.03
CA PRO A 297 21.51 -6.65 1.00
C PRO A 297 20.75 -6.97 2.31
N ASN A 298 21.26 -6.47 3.44
CA ASN A 298 20.61 -6.77 4.73
C ASN A 298 19.61 -5.70 5.24
N ASP A 299 19.35 -4.68 4.43
CA ASP A 299 18.51 -3.55 4.85
C ASP A 299 17.07 -3.65 4.36
#